data_4L8B
#
_entry.id   4L8B
#
_cell.length_a   90.990
_cell.length_b   132.138
_cell.length_c   47.038
_cell.angle_alpha   90.00
_cell.angle_beta   90.00
_cell.angle_gamma   90.00
#
_symmetry.space_group_name_H-M   'P 21 21 2'
#
loop_
_entity.id
_entity.type
_entity.pdbx_description
1 polymer 'H-2 class I histocompatibility antigen, D-B alpha chain'
2 polymer Beta-2-microglobulin
3 polymer 'NP-N5H peptide'
4 non-polymer 'SULFATE ION'
5 non-polymer DI(HYDROXYETHYL)ETHER
6 non-polymer 'SODIUM ION'
7 water water
#
loop_
_entity_poly.entity_id
_entity_poly.type
_entity_poly.pdbx_seq_one_letter_code
_entity_poly.pdbx_strand_id
1 'polypeptide(L)'
;GPHSMRYFETAVSRPGLEEPRYISVGYVDNKEFVRFDSDAENPRYEPRAPWMEQEGPEYWERETQKAKGQEQWFRVSLRN
LLGYYNQSAGGSHTLQQMSGCDLGSDWRLLRGYLQFAYEGRDYIALNEDLKTWTAADMAAQITRRKWEQSGAAEHYKAYL
EGECVEWLHRYLKNGNATLLRTDSPKAHVTHHPRSKGEVTLRCWALGFYPADITLTWQLNGEELTQDMELVETRPAGDGT
FQKWASVVVPLGKEQNYTCRVYHEGLPEPLTLRWEPPPST
;
A
2 'polypeptide(L)'
;IQKTPQIQVYSRHPPENGKPNILNCYVTQFHPPHIEIQMLKNGKKIPKVEMSDMSFSKDWSFYILAHTEFTPTETDTYAC
RVKHASMAEPKTVYWDRDM
;
B
3 'polypeptide(L)' ASNEHMETM C
#
# COMPACT_ATOMS: atom_id res chain seq x y z
N GLY A 1 -8.53 20.76 1.76
CA GLY A 1 -7.42 19.86 1.52
C GLY A 1 -7.02 19.67 0.06
N PRO A 2 -5.72 19.37 -0.24
CA PRO A 2 -5.32 19.16 -1.65
C PRO A 2 -5.82 17.81 -2.19
N HIS A 3 -5.94 17.72 -3.51
CA HIS A 3 -6.42 16.53 -4.18
C HIS A 3 -5.38 15.98 -5.10
N SER A 4 -5.50 14.70 -5.46
CA SER A 4 -4.56 14.12 -6.40
C SER A 4 -5.14 12.94 -7.12
N MET A 5 -4.56 12.67 -8.26
CA MET A 5 -4.79 11.47 -9.02
C MET A 5 -3.41 10.85 -9.32
N ARG A 6 -3.31 9.53 -9.12
CA ARG A 6 -2.07 8.83 -9.49
C ARG A 6 -2.35 7.51 -10.13
N TYR A 7 -1.52 7.15 -11.09
CA TYR A 7 -1.54 5.79 -11.63
C TYR A 7 -0.23 5.13 -11.23
N PHE A 8 -0.30 3.93 -10.65
CA PHE A 8 0.85 3.09 -10.25
C PHE A 8 0.86 1.89 -11.16
N GLU A 9 1.92 1.73 -11.92
CA GLU A 9 2.03 0.65 -12.86
C GLU A 9 3.17 -0.27 -12.48
N THR A 10 3.02 -1.54 -12.84
CA THR A 10 4.02 -2.58 -12.58
C THR A 10 3.97 -3.57 -13.71
N ALA A 11 5.14 -3.90 -14.23
CA ALA A 11 5.34 -4.94 -15.22
C ALA A 11 6.44 -5.86 -14.67
N VAL A 12 6.13 -7.16 -14.55
CA VAL A 12 7.07 -8.17 -14.00
C VAL A 12 7.36 -9.22 -15.07
N SER A 13 8.60 -9.29 -15.52
CA SER A 13 8.94 -10.30 -16.51
C SER A 13 8.98 -11.66 -15.85
N ARG A 14 8.62 -12.69 -16.61
N ARG A 14 8.63 -12.69 -16.63
CA ARG A 14 8.58 -14.05 -16.11
CA ARG A 14 8.53 -14.06 -16.15
C ARG A 14 9.43 -14.99 -16.99
C ARG A 14 9.41 -15.00 -17.00
N PRO A 15 10.15 -15.97 -16.37
CA PRO A 15 10.93 -16.92 -17.19
C PRO A 15 9.94 -17.91 -17.81
N GLY A 16 10.18 -18.29 -19.05
CA GLY A 16 9.27 -19.21 -19.72
C GLY A 16 8.51 -18.58 -20.87
N LEU A 17 7.34 -19.15 -21.19
CA LEU A 17 6.52 -18.72 -22.31
C LEU A 17 5.64 -17.51 -22.06
N GLU A 18 5.10 -17.38 -20.84
CA GLU A 18 4.22 -16.27 -20.46
C GLU A 18 4.91 -14.91 -20.63
N GLU A 19 4.18 -13.94 -21.21
CA GLU A 19 4.70 -12.59 -21.44
C GLU A 19 4.68 -11.83 -20.06
N PRO A 20 5.29 -10.65 -19.86
CA PRO A 20 5.26 -10.05 -18.52
C PRO A 20 3.86 -9.76 -17.97
N ARG A 21 3.71 -9.82 -16.65
CA ARG A 21 2.44 -9.45 -16.03
C ARG A 21 2.41 -7.89 -15.89
N TYR A 22 1.32 -7.26 -16.30
CA TYR A 22 1.13 -5.82 -16.26
C TYR A 22 -0.06 -5.46 -15.41
N ILE A 23 0.14 -4.67 -14.33
CA ILE A 23 -0.92 -4.21 -13.43
C ILE A 23 -0.88 -2.69 -13.41
N SER A 24 -2.04 -2.06 -13.54
CA SER A 24 -2.17 -0.61 -13.51
C SER A 24 -3.27 -0.29 -12.51
N VAL A 25 -2.92 0.52 -11.50
CA VAL A 25 -3.83 0.91 -10.44
C VAL A 25 -3.91 2.45 -10.42
N GLY A 26 -5.13 2.94 -10.47
CA GLY A 26 -5.46 4.36 -10.36
C GLY A 26 -5.91 4.69 -8.97
N TYR A 27 -5.51 5.87 -8.47
CA TYR A 27 -5.87 6.40 -7.16
C TYR A 27 -6.35 7.82 -7.28
N VAL A 28 -7.40 8.17 -6.56
CA VAL A 28 -7.93 9.54 -6.50
C VAL A 28 -7.85 9.83 -5.01
N ASP A 29 -7.12 10.89 -4.63
CA ASP A 29 -6.96 11.23 -3.21
C ASP A 29 -6.53 10.01 -2.36
N ASN A 30 -5.58 9.22 -2.90
CA ASN A 30 -5.02 8.02 -2.25
C ASN A 30 -5.97 6.83 -2.11
N LYS A 31 -7.19 6.90 -2.70
CA LYS A 31 -8.12 5.77 -2.63
C LYS A 31 -8.15 5.06 -4.00
N GLU A 32 -7.99 3.73 -4.02
CA GLU A 32 -8.01 2.94 -5.26
C GLU A 32 -9.40 3.07 -5.94
N PHE A 33 -9.45 3.50 -7.21
CA PHE A 33 -10.71 3.66 -7.94
C PHE A 33 -10.85 2.81 -9.19
N VAL A 34 -9.71 2.40 -9.79
CA VAL A 34 -9.67 1.55 -10.98
C VAL A 34 -8.49 0.63 -10.89
N ARG A 35 -8.60 -0.51 -11.56
CA ARG A 35 -7.53 -1.49 -11.61
C ARG A 35 -7.59 -2.30 -12.93
N PHE A 36 -6.42 -2.51 -13.57
CA PHE A 36 -6.27 -3.36 -14.75
C PHE A 36 -5.23 -4.40 -14.38
N ASP A 37 -5.47 -5.69 -14.69
CA ASP A 37 -4.49 -6.75 -14.44
C ASP A 37 -4.48 -7.65 -15.67
N SER A 38 -3.31 -7.82 -16.30
CA SER A 38 -3.21 -8.62 -17.53
C SER A 38 -3.39 -10.14 -17.29
N ASP A 39 -3.27 -10.61 -16.03
CA ASP A 39 -3.45 -12.01 -15.65
C ASP A 39 -4.91 -12.32 -15.21
N ALA A 40 -5.88 -11.49 -15.61
CA ALA A 40 -7.29 -11.74 -15.33
C ALA A 40 -7.87 -12.57 -16.51
N GLU A 41 -9.08 -13.18 -16.32
CA GLU A 41 -9.78 -14.01 -17.31
C GLU A 41 -10.01 -13.20 -18.59
N ASN A 42 -10.71 -12.05 -18.46
CA ASN A 42 -10.88 -11.08 -19.55
C ASN A 42 -10.23 -9.79 -19.02
N PRO A 43 -8.96 -9.53 -19.39
CA PRO A 43 -8.26 -8.35 -18.84
C PRO A 43 -8.91 -7.06 -19.26
N ARG A 44 -9.35 -6.28 -18.27
CA ARG A 44 -9.98 -4.98 -18.49
C ARG A 44 -9.83 -4.08 -17.29
N TYR A 45 -9.95 -2.76 -17.49
CA TYR A 45 -9.98 -1.83 -16.36
C TYR A 45 -11.33 -2.05 -15.71
N GLU A 46 -11.36 -2.16 -14.37
CA GLU A 46 -12.54 -2.43 -13.58
C GLU A 46 -12.69 -1.36 -12.51
N PRO A 47 -13.95 -0.98 -12.13
CA PRO A 47 -14.10 0.01 -11.04
C PRO A 47 -13.73 -0.63 -9.71
N ARG A 48 -13.13 0.16 -8.84
CA ARG A 48 -12.73 -0.34 -7.53
C ARG A 48 -13.38 0.47 -6.44
N ALA A 49 -14.15 1.49 -6.84
CA ALA A 49 -14.87 2.43 -5.97
C ALA A 49 -16.36 2.48 -6.40
N PRO A 50 -17.34 2.73 -5.47
CA PRO A 50 -18.76 2.72 -5.87
C PRO A 50 -19.15 3.78 -6.88
N TRP A 51 -18.57 4.97 -6.77
CA TRP A 51 -18.83 6.10 -7.64
C TRP A 51 -18.25 5.95 -9.07
N MET A 52 -17.37 4.94 -9.33
CA MET A 52 -16.82 4.72 -10.67
C MET A 52 -17.83 3.96 -11.53
N GLU A 53 -18.78 3.25 -10.87
CA GLU A 53 -19.88 2.51 -11.49
C GLU A 53 -20.77 3.41 -12.37
N GLN A 54 -20.63 4.76 -12.23
CA GLN A 54 -21.35 5.80 -13.00
C GLN A 54 -20.83 5.95 -14.41
N GLU A 55 -19.71 5.31 -14.72
CA GLU A 55 -19.08 5.42 -16.03
C GLU A 55 -19.69 4.53 -17.08
N GLY A 56 -19.94 5.16 -18.24
CA GLY A 56 -20.51 4.54 -19.44
C GLY A 56 -19.61 3.51 -20.09
N PRO A 57 -20.17 2.62 -20.95
CA PRO A 57 -19.35 1.55 -21.56
C PRO A 57 -18.19 2.03 -22.41
N GLU A 58 -18.34 3.21 -23.05
CA GLU A 58 -17.30 3.82 -23.89
C GLU A 58 -16.00 4.10 -23.07
N TYR A 59 -16.15 4.55 -21.80
CA TYR A 59 -15.06 4.84 -20.87
C TYR A 59 -14.21 3.56 -20.66
N TRP A 60 -14.84 2.46 -20.21
CA TRP A 60 -14.14 1.19 -19.97
C TRP A 60 -13.45 0.60 -21.19
N GLU A 61 -14.09 0.67 -22.36
CA GLU A 61 -13.54 0.15 -23.62
C GLU A 61 -12.24 0.88 -24.01
N ARG A 62 -12.28 2.24 -23.98
CA ARG A 62 -11.20 3.16 -24.29
C ARG A 62 -10.02 2.98 -23.29
N GLU A 63 -10.32 2.86 -21.96
CA GLU A 63 -9.32 2.61 -20.92
C GLU A 63 -8.68 1.25 -21.10
N THR A 64 -9.48 0.21 -21.41
CA THR A 64 -8.97 -1.15 -21.67
C THR A 64 -8.05 -1.20 -22.89
N GLN A 65 -8.39 -0.43 -23.94
CA GLN A 65 -7.56 -0.35 -25.16
C GLN A 65 -6.18 0.27 -24.87
N LYS A 66 -6.15 1.32 -24.07
CA LYS A 66 -4.91 1.96 -23.64
C LYS A 66 -4.04 0.98 -22.88
N ALA A 67 -4.63 0.22 -21.94
CA ALA A 67 -3.87 -0.73 -21.12
C ALA A 67 -3.23 -1.83 -21.94
N LYS A 68 -3.94 -2.33 -22.96
CA LYS A 68 -3.42 -3.37 -23.86
C LYS A 68 -2.20 -2.89 -24.62
N GLY A 69 -2.21 -1.63 -25.00
CA GLY A 69 -1.06 -0.98 -25.66
C GLY A 69 0.11 -0.83 -24.71
N GLN A 70 -0.16 -0.40 -23.47
N GLN A 70 -0.17 -0.36 -23.47
CA GLN A 70 0.81 -0.21 -22.40
CA GLN A 70 0.79 -0.16 -22.38
C GLN A 70 1.47 -1.48 -21.95
C GLN A 70 1.48 -1.46 -22.00
N GLU A 71 0.73 -2.59 -21.97
CA GLU A 71 1.28 -3.91 -21.63
C GLU A 71 2.40 -4.26 -22.66
N GLN A 72 2.17 -3.88 -23.94
CA GLN A 72 3.16 -4.05 -25.02
C GLN A 72 4.33 -3.07 -24.85
N TRP A 73 4.06 -1.83 -24.46
CA TRP A 73 5.14 -0.86 -24.23
C TRP A 73 6.08 -1.35 -23.10
N PHE A 74 5.51 -1.80 -21.95
CA PHE A 74 6.26 -2.35 -20.80
C PHE A 74 7.02 -3.60 -21.18
N ARG A 75 6.44 -4.41 -22.04
CA ARG A 75 7.14 -5.59 -22.56
C ARG A 75 8.45 -5.20 -23.29
N VAL A 76 8.40 -4.27 -24.25
CA VAL A 76 9.58 -3.84 -25.02
C VAL A 76 10.60 -3.11 -24.13
N SER A 77 10.13 -2.24 -23.21
CA SER A 77 10.98 -1.52 -22.26
C SER A 77 11.75 -2.47 -21.35
N LEU A 78 11.10 -3.56 -20.88
CA LEU A 78 11.79 -4.60 -20.09
C LEU A 78 12.91 -5.27 -20.93
N ARG A 79 12.65 -5.49 -22.23
N ARG A 79 12.66 -5.50 -22.23
CA ARG A 79 13.62 -6.08 -23.17
CA ARG A 79 13.66 -6.09 -23.14
C ARG A 79 14.82 -5.14 -23.34
C ARG A 79 14.84 -5.13 -23.30
N ASN A 80 14.57 -3.83 -23.50
CA ASN A 80 15.60 -2.79 -23.66
C ASN A 80 16.45 -2.65 -22.41
N LEU A 81 15.83 -2.70 -21.21
CA LEU A 81 16.54 -2.58 -19.94
C LEU A 81 17.44 -3.78 -19.65
N LEU A 82 17.04 -4.97 -20.11
CA LEU A 82 17.83 -6.16 -19.91
C LEU A 82 19.18 -6.01 -20.63
N GLY A 83 19.14 -5.55 -21.89
CA GLY A 83 20.31 -5.28 -22.72
C GLY A 83 21.20 -4.18 -22.19
N TYR A 84 20.62 -3.08 -21.67
CA TYR A 84 21.36 -1.96 -21.09
C TYR A 84 22.22 -2.42 -19.94
N TYR A 85 21.65 -3.22 -19.02
CA TYR A 85 22.35 -3.74 -17.85
C TYR A 85 23.18 -5.00 -18.12
N ASN A 86 23.19 -5.48 -19.40
CA ASN A 86 23.90 -6.68 -19.83
C ASN A 86 23.54 -7.84 -18.86
N GLN A 87 22.23 -8.04 -18.64
CA GLN A 87 21.73 -9.08 -17.74
C GLN A 87 21.43 -10.37 -18.48
N SER A 88 21.54 -11.49 -17.75
CA SER A 88 21.29 -12.84 -18.24
C SER A 88 19.79 -13.03 -18.45
N ALA A 89 19.43 -13.95 -19.36
CA ALA A 89 18.03 -14.31 -19.63
C ALA A 89 17.58 -15.30 -18.54
N GLY A 90 16.30 -15.68 -18.56
CA GLY A 90 15.72 -16.61 -17.60
C GLY A 90 15.51 -16.07 -16.20
N GLY A 91 15.52 -14.73 -16.06
CA GLY A 91 15.33 -14.07 -14.78
C GLY A 91 13.95 -13.46 -14.66
N SER A 92 13.65 -12.89 -13.48
CA SER A 92 12.40 -12.19 -13.23
C SER A 92 12.76 -10.76 -12.90
N HIS A 93 12.31 -9.79 -13.72
CA HIS A 93 12.64 -8.37 -13.52
C HIS A 93 11.41 -7.49 -13.36
N THR A 94 11.53 -6.39 -12.59
CA THR A 94 10.44 -5.46 -12.26
C THR A 94 10.70 -4.03 -12.76
N LEU A 95 9.75 -3.48 -13.52
CA LEU A 95 9.73 -2.09 -13.96
C LEU A 95 8.45 -1.45 -13.35
N GLN A 96 8.59 -0.34 -12.60
CA GLN A 96 7.43 0.31 -11.98
C GLN A 96 7.32 1.75 -12.42
N GLN A 97 6.10 2.30 -12.37
CA GLN A 97 5.89 3.69 -12.76
C GLN A 97 4.90 4.30 -11.82
N MET A 98 5.10 5.58 -11.50
CA MET A 98 4.18 6.41 -10.72
C MET A 98 4.03 7.69 -11.47
N SER A 99 2.78 8.10 -11.70
CA SER A 99 2.52 9.32 -12.41
C SER A 99 1.21 9.92 -11.98
N GLY A 100 1.08 11.24 -12.14
CA GLY A 100 -0.16 11.93 -11.80
C GLY A 100 0.02 13.41 -11.52
N CYS A 101 -1.01 14.00 -10.93
CA CYS A 101 -1.02 15.42 -10.63
C CYS A 101 -1.58 15.70 -9.26
N ASP A 102 -1.17 16.82 -8.66
CA ASP A 102 -1.67 17.30 -7.37
C ASP A 102 -2.40 18.61 -7.64
N LEU A 103 -3.59 18.75 -7.06
CA LEU A 103 -4.40 19.94 -7.16
C LEU A 103 -4.57 20.60 -5.82
N GLY A 104 -4.71 21.92 -5.84
CA GLY A 104 -5.04 22.69 -4.64
C GLY A 104 -6.53 22.63 -4.40
N SER A 105 -7.00 23.22 -3.27
CA SER A 105 -8.43 23.26 -2.91
C SER A 105 -9.24 24.11 -3.92
N ASP A 106 -8.57 25.10 -4.53
CA ASP A 106 -9.13 25.98 -5.57
C ASP A 106 -9.10 25.30 -6.98
N TRP A 107 -8.66 24.02 -7.03
CA TRP A 107 -8.52 23.17 -8.22
C TRP A 107 -7.46 23.63 -9.20
N ARG A 108 -6.42 24.27 -8.67
CA ARG A 108 -5.29 24.77 -9.43
C ARG A 108 -4.23 23.66 -9.42
N LEU A 109 -3.56 23.43 -10.56
CA LEU A 109 -2.49 22.44 -10.65
C LEU A 109 -1.28 22.89 -9.82
N LEU A 110 -0.92 22.11 -8.80
CA LEU A 110 0.24 22.37 -7.94
C LEU A 110 1.46 21.79 -8.66
N ARG A 111 1.40 20.48 -8.96
CA ARG A 111 2.47 19.78 -9.66
C ARG A 111 2.03 18.50 -10.33
N GLY A 112 2.78 18.17 -11.37
CA GLY A 112 2.64 16.96 -12.16
C GLY A 112 3.86 16.12 -11.88
N TYR A 113 3.73 14.80 -12.00
N TYR A 113 3.73 14.80 -11.97
CA TYR A 113 4.85 13.90 -11.75
CA TYR A 113 4.86 13.90 -11.75
C TYR A 113 4.86 12.63 -12.55
C TYR A 113 4.86 12.62 -12.52
N LEU A 114 6.06 12.14 -12.82
CA LEU A 114 6.29 10.94 -13.58
C LEU A 114 7.62 10.39 -13.14
N GLN A 115 7.63 9.14 -12.65
CA GLN A 115 8.86 8.47 -12.26
C GLN A 115 8.78 6.97 -12.45
N PHE A 116 9.94 6.39 -12.78
CA PHE A 116 10.11 4.98 -13.06
C PHE A 116 11.19 4.41 -12.17
N ALA A 117 11.05 3.14 -11.83
CA ALA A 117 12.07 2.42 -11.10
C ALA A 117 12.30 1.08 -11.74
N TYR A 118 13.57 0.62 -11.80
CA TYR A 118 13.92 -0.70 -12.33
C TYR A 118 14.52 -1.55 -11.21
N GLU A 119 13.98 -2.76 -10.94
CA GLU A 119 14.44 -3.62 -9.83
C GLU A 119 14.40 -2.92 -8.45
N GLY A 120 13.39 -2.08 -8.23
CA GLY A 120 13.20 -1.35 -6.97
C GLY A 120 14.04 -0.10 -6.76
N ARG A 121 14.83 0.31 -7.74
CA ARG A 121 15.66 1.51 -7.59
C ARG A 121 15.24 2.57 -8.61
N ASP A 122 15.22 3.85 -8.23
CA ASP A 122 14.89 4.98 -9.10
C ASP A 122 15.62 4.87 -10.38
N TYR A 123 14.92 5.05 -11.50
CA TYR A 123 15.59 4.89 -12.79
C TYR A 123 15.67 6.20 -13.53
N ILE A 124 14.52 6.83 -13.79
CA ILE A 124 14.43 8.13 -14.46
C ILE A 124 13.19 8.78 -13.92
N ALA A 125 13.19 10.12 -13.77
CA ALA A 125 12.06 10.92 -13.33
C ALA A 125 11.97 12.22 -14.15
N LEU A 126 10.76 12.76 -14.32
CA LEU A 126 10.52 14.03 -15.01
C LEU A 126 10.74 15.08 -13.94
N ASN A 127 11.50 16.15 -14.23
CA ASN A 127 11.69 17.21 -13.22
C ASN A 127 10.41 18.02 -13.02
N GLU A 128 10.29 18.77 -11.88
CA GLU A 128 9.13 19.60 -11.55
C GLU A 128 8.70 20.56 -12.68
N ASP A 129 9.66 21.07 -13.44
CA ASP A 129 9.40 21.95 -14.59
C ASP A 129 8.71 21.20 -15.74
N LEU A 130 8.72 19.84 -15.72
CA LEU A 130 8.11 18.98 -16.72
C LEU A 130 8.71 19.15 -18.13
N LYS A 131 10.00 19.54 -18.20
CA LYS A 131 10.71 19.76 -19.46
C LYS A 131 12.01 18.94 -19.52
N THR A 132 12.60 18.68 -18.35
CA THR A 132 13.85 17.94 -18.24
C THR A 132 13.75 16.65 -17.40
N TRP A 133 14.67 15.72 -17.65
CA TRP A 133 14.75 14.42 -16.98
C TRP A 133 15.91 14.30 -16.01
N THR A 134 15.70 13.55 -14.91
CA THR A 134 16.76 13.23 -13.97
C THR A 134 16.95 11.73 -14.04
N ALA A 135 18.01 11.31 -14.72
CA ALA A 135 18.38 9.91 -14.90
C ALA A 135 19.35 9.54 -13.79
N ALA A 136 19.03 8.50 -13.03
CA ALA A 136 19.75 8.05 -11.85
C ALA A 136 21.13 7.39 -12.08
N ASP A 137 21.23 6.48 -13.04
CA ASP A 137 22.45 5.73 -13.32
C ASP A 137 22.88 5.80 -14.79
N MET A 138 23.88 4.99 -15.19
CA MET A 138 24.47 4.97 -16.52
C MET A 138 23.51 4.59 -17.64
N ALA A 139 22.73 3.50 -17.45
CA ALA A 139 21.74 2.96 -18.38
C ALA A 139 20.58 3.93 -18.60
N ALA A 140 20.17 4.66 -17.56
CA ALA A 140 19.09 5.64 -17.60
C ALA A 140 19.42 6.79 -18.52
N GLN A 141 20.75 7.05 -18.71
CA GLN A 141 21.24 8.11 -19.60
C GLN A 141 20.96 7.73 -21.04
N ILE A 142 20.97 6.41 -21.34
CA ILE A 142 20.60 5.92 -22.67
C ILE A 142 19.10 6.27 -22.90
N THR A 143 18.22 6.06 -21.87
CA THR A 143 16.79 6.38 -22.00
C THR A 143 16.62 7.90 -22.15
N ARG A 144 17.31 8.70 -21.32
CA ARG A 144 17.20 10.16 -21.38
C ARG A 144 17.44 10.74 -22.79
N ARG A 145 18.54 10.30 -23.46
CA ARG A 145 18.92 10.74 -24.80
C ARG A 145 17.84 10.39 -25.82
N LYS A 146 17.30 9.18 -25.71
CA LYS A 146 16.24 8.66 -26.56
C LYS A 146 14.97 9.52 -26.38
N TRP A 147 14.66 9.93 -25.13
CA TRP A 147 13.46 10.70 -24.80
C TRP A 147 13.55 12.20 -25.09
N GLU A 148 14.76 12.78 -24.97
CA GLU A 148 15.02 14.18 -25.34
C GLU A 148 14.93 14.28 -26.86
N GLN A 149 15.52 13.30 -27.60
CA GLN A 149 15.45 13.27 -29.06
C GLN A 149 14.06 12.95 -29.65
N SER A 150 13.12 12.44 -28.83
CA SER A 150 11.74 12.14 -29.27
C SER A 150 10.73 13.20 -28.76
N GLY A 151 11.14 14.02 -27.81
CA GLY A 151 10.30 15.06 -27.22
C GLY A 151 9.27 14.53 -26.24
N ALA A 152 9.55 13.34 -25.64
CA ALA A 152 8.71 12.67 -24.65
C ALA A 152 8.18 13.56 -23.54
N ALA A 153 9.02 14.49 -23.03
CA ALA A 153 8.62 15.40 -21.93
C ALA A 153 7.47 16.31 -22.32
N GLU A 154 7.36 16.69 -23.63
CA GLU A 154 6.25 17.54 -24.12
C GLU A 154 4.94 16.77 -24.05
N HIS A 155 4.95 15.50 -24.48
N HIS A 155 4.96 15.50 -24.48
CA HIS A 155 3.78 14.62 -24.45
CA HIS A 155 3.79 14.62 -24.44
C HIS A 155 3.30 14.32 -23.01
C HIS A 155 3.31 14.39 -23.00
N TYR A 156 4.23 14.16 -22.06
CA TYR A 156 3.84 13.93 -20.64
C TYR A 156 3.32 15.18 -19.98
N LYS A 157 3.97 16.34 -20.22
CA LYS A 157 3.52 17.64 -19.71
C LYS A 157 2.08 17.93 -20.19
N ALA A 158 1.79 17.67 -21.48
CA ALA A 158 0.45 17.88 -22.06
C ALA A 158 -0.59 17.05 -21.32
N TYR A 159 -0.30 15.75 -21.05
CA TYR A 159 -1.21 14.94 -20.28
C TYR A 159 -1.34 15.43 -18.83
N LEU A 160 -0.21 15.67 -18.14
CA LEU A 160 -0.17 16.04 -16.70
C LEU A 160 -0.83 17.35 -16.36
N GLU A 161 -0.73 18.32 -17.26
CA GLU A 161 -1.31 19.65 -17.11
C GLU A 161 -2.74 19.69 -17.69
N GLY A 162 -3.04 18.83 -18.67
CA GLY A 162 -4.33 18.79 -19.34
C GLY A 162 -5.29 17.74 -18.85
N GLU A 163 -5.35 16.59 -19.56
CA GLU A 163 -6.25 15.46 -19.29
C GLU A 163 -6.25 15.00 -17.85
N CYS A 164 -5.07 14.94 -17.21
CA CYS A 164 -4.96 14.50 -15.82
C CYS A 164 -5.78 15.39 -14.91
N VAL A 165 -5.63 16.71 -15.06
CA VAL A 165 -6.37 17.72 -14.29
C VAL A 165 -7.88 17.65 -14.60
N GLU A 166 -8.26 17.51 -15.89
CA GLU A 166 -9.68 17.43 -16.36
C GLU A 166 -10.43 16.23 -15.82
N TRP A 167 -9.82 15.04 -15.94
CA TRP A 167 -10.42 13.83 -15.39
C TRP A 167 -10.48 13.83 -13.89
N LEU A 168 -9.49 14.42 -13.19
CA LEU A 168 -9.54 14.50 -11.72
C LEU A 168 -10.74 15.36 -11.24
N HIS A 169 -11.02 16.51 -11.94
CA HIS A 169 -12.14 17.42 -11.68
C HIS A 169 -13.45 16.62 -11.75
N ARG A 170 -13.62 15.85 -12.85
CA ARG A 170 -14.75 14.97 -13.12
C ARG A 170 -14.90 13.87 -12.06
N TYR A 171 -13.79 13.24 -11.62
CA TYR A 171 -13.88 12.20 -10.57
C TYR A 171 -14.25 12.78 -9.21
N LEU A 172 -13.74 13.98 -8.91
CA LEU A 172 -13.99 14.67 -7.64
C LEU A 172 -15.48 14.97 -7.40
N LYS A 173 -16.21 15.37 -8.45
CA LYS A 173 -17.65 15.64 -8.39
C LYS A 173 -18.40 14.33 -8.20
N ASN A 174 -18.20 13.38 -9.14
CA ASN A 174 -18.83 12.05 -9.16
C ASN A 174 -18.77 11.24 -7.84
N GLY A 175 -17.76 11.49 -7.02
CA GLY A 175 -17.58 10.80 -5.75
C GLY A 175 -17.16 11.68 -4.59
N ASN A 176 -17.88 12.80 -4.36
CA ASN A 176 -17.58 13.72 -3.25
C ASN A 176 -18.01 13.16 -1.90
N ALA A 177 -19.25 12.60 -1.81
CA ALA A 177 -19.80 12.03 -0.58
C ALA A 177 -19.06 10.76 -0.14
N THR A 178 -18.66 9.90 -1.12
CA THR A 178 -17.92 8.65 -0.88
C THR A 178 -16.54 8.92 -0.26
N LEU A 179 -15.77 9.83 -0.88
CA LEU A 179 -14.43 10.24 -0.45
C LEU A 179 -14.44 10.90 0.95
N LEU A 180 -15.50 11.67 1.26
CA LEU A 180 -15.69 12.37 2.55
C LEU A 180 -16.25 11.48 3.70
N ARG A 181 -16.27 10.14 3.53
CA ARG A 181 -16.76 9.24 4.57
C ARG A 181 -15.72 9.03 5.70
N THR A 182 -16.20 8.90 6.96
CA THR A 182 -15.36 8.69 8.14
C THR A 182 -15.94 7.63 9.10
N ASP A 183 -15.06 6.80 9.68
CA ASP A 183 -15.41 5.81 10.69
C ASP A 183 -14.54 6.14 11.89
N SER A 184 -15.17 6.49 12.99
CA SER A 184 -14.48 6.92 14.19
C SER A 184 -13.91 5.73 15.01
N PRO A 185 -12.69 5.88 15.57
CA PRO A 185 -12.10 4.78 16.36
C PRO A 185 -12.80 4.48 17.67
N LYS A 186 -12.84 3.19 18.05
CA LYS A 186 -13.30 2.72 19.36
C LYS A 186 -11.99 2.36 20.04
N ALA A 187 -11.80 2.86 21.26
CA ALA A 187 -10.57 2.64 21.97
C ALA A 187 -10.78 2.03 23.33
N HIS A 188 -9.79 1.25 23.79
CA HIS A 188 -9.74 0.60 25.10
C HIS A 188 -8.28 0.36 25.45
N VAL A 189 -7.99 0.22 26.75
CA VAL A 189 -6.66 -0.06 27.31
C VAL A 189 -6.62 -1.50 27.86
N THR A 190 -5.55 -2.23 27.56
CA THR A 190 -5.34 -3.56 28.12
C THR A 190 -4.07 -3.52 29.00
N HIS A 191 -4.05 -4.34 30.05
N HIS A 191 -4.08 -4.33 30.06
CA HIS A 191 -3.01 -4.47 31.08
CA HIS A 191 -2.99 -4.49 31.02
C HIS A 191 -2.32 -5.82 30.86
C HIS A 191 -2.31 -5.82 30.72
N HIS A 192 -0.98 -5.84 30.71
CA HIS A 192 -0.23 -7.06 30.46
C HIS A 192 0.88 -7.14 31.48
N PRO A 193 0.70 -8.03 32.50
CA PRO A 193 1.72 -8.16 33.55
C PRO A 193 3.04 -8.65 32.99
N ARG A 194 4.09 -8.10 33.54
CA ARG A 194 5.45 -8.43 33.18
C ARG A 194 6.16 -8.69 34.50
N SER A 195 7.46 -9.03 34.41
N SER A 195 7.46 -8.99 34.40
CA SER A 195 8.31 -9.21 35.57
CA SER A 195 8.39 -9.20 35.50
C SER A 195 8.87 -7.84 36.02
C SER A 195 8.83 -7.82 36.04
N LYS A 196 9.65 -7.83 37.13
CA LYS A 196 10.25 -6.63 37.75
C LYS A 196 9.26 -5.61 38.29
N GLY A 197 8.08 -6.08 38.67
CA GLY A 197 7.01 -5.25 39.22
C GLY A 197 6.53 -4.18 38.26
N GLU A 198 6.57 -4.51 36.96
CA GLU A 198 6.14 -3.61 35.88
C GLU A 198 4.95 -4.19 35.15
N VAL A 199 4.27 -3.33 34.38
CA VAL A 199 3.11 -3.65 33.58
C VAL A 199 3.19 -2.95 32.22
N THR A 200 2.82 -3.66 31.14
CA THR A 200 2.65 -3.02 29.84
C THR A 200 1.19 -2.58 29.79
N LEU A 201 0.98 -1.32 29.46
CA LEU A 201 -0.34 -0.75 29.25
C LEU A 201 -0.43 -0.58 27.75
N ARG A 202 -1.47 -1.12 27.14
CA ARG A 202 -1.60 -1.07 25.70
C ARG A 202 -2.89 -0.37 25.32
N CYS A 203 -2.77 0.68 24.51
CA CYS A 203 -3.92 1.43 24.06
C CYS A 203 -4.22 1.06 22.64
N TRP A 204 -5.42 0.55 22.41
CA TRP A 204 -5.91 0.07 21.14
C TRP A 204 -6.90 1.03 20.50
N ALA A 205 -6.78 1.25 19.18
CA ALA A 205 -7.72 2.04 18.37
C ALA A 205 -8.12 1.10 17.24
N LEU A 206 -9.41 0.75 17.20
CA LEU A 206 -9.99 -0.21 16.26
C LEU A 206 -11.14 0.37 15.43
N GLY A 207 -11.27 -0.16 14.23
CA GLY A 207 -12.34 0.15 13.29
C GLY A 207 -12.46 1.57 12.84
N PHE A 208 -11.32 2.24 12.64
CA PHE A 208 -11.35 3.62 12.18
C PHE A 208 -11.07 3.75 10.68
N TYR A 209 -11.57 4.83 10.09
CA TYR A 209 -11.33 5.17 8.70
C TYR A 209 -11.41 6.69 8.52
N PRO A 210 -10.47 7.36 7.80
CA PRO A 210 -9.27 6.83 7.13
C PRO A 210 -8.17 6.37 8.09
N ALA A 211 -7.06 5.80 7.55
CA ALA A 211 -5.92 5.28 8.29
C ALA A 211 -5.19 6.25 9.24
N ASP A 212 -5.05 7.53 8.85
CA ASP A 212 -4.33 8.54 9.65
C ASP A 212 -4.90 8.65 11.07
N ILE A 213 -4.01 8.51 12.06
CA ILE A 213 -4.37 8.51 13.48
C ILE A 213 -3.15 8.88 14.29
N THR A 214 -3.33 9.38 15.51
CA THR A 214 -2.26 9.64 16.46
C THR A 214 -2.64 9.03 17.81
N LEU A 215 -1.74 8.25 18.39
CA LEU A 215 -1.91 7.62 19.71
C LEU A 215 -0.81 8.18 20.56
N THR A 216 -1.20 8.72 21.70
CA THR A 216 -0.29 9.38 22.63
C THR A 216 -0.52 8.80 24.01
N TRP A 217 0.56 8.57 24.74
CA TRP A 217 0.53 8.18 26.14
C TRP A 217 1.11 9.36 26.95
N GLN A 218 0.55 9.67 28.13
CA GLN A 218 1.05 10.77 28.97
C GLN A 218 1.22 10.35 30.42
N LEU A 219 2.18 10.97 31.15
CA LEU A 219 2.37 10.73 32.58
C LEU A 219 2.23 12.05 33.33
N ASN A 220 1.09 12.25 34.04
CA ASN A 220 0.77 13.48 34.80
C ASN A 220 1.06 14.71 33.89
N GLY A 221 0.47 14.69 32.69
CA GLY A 221 0.71 15.68 31.64
C GLY A 221 2.07 15.40 31.00
N GLU A 222 2.31 15.92 29.78
CA GLU A 222 3.58 15.73 29.05
C GLU A 222 3.69 14.33 28.45
N GLU A 223 3.80 14.29 27.12
CA GLU A 223 3.91 13.10 26.27
C GLU A 223 5.08 12.19 26.65
N LEU A 224 4.95 10.90 26.31
CA LEU A 224 5.94 9.85 26.60
C LEU A 224 6.58 9.34 25.29
N THR A 225 6.83 10.26 24.35
CA THR A 225 7.41 10.02 23.01
C THR A 225 8.65 9.09 23.04
N GLN A 226 9.54 9.29 24.02
CA GLN A 226 10.80 8.55 24.18
C GLN A 226 10.76 7.01 24.19
N ASP A 227 10.10 6.37 25.19
CA ASP A 227 10.08 4.90 25.30
C ASP A 227 8.77 4.19 24.89
N MET A 228 7.81 4.93 24.31
CA MET A 228 6.53 4.39 23.86
C MET A 228 6.72 3.42 22.65
N GLU A 229 6.08 2.25 22.71
CA GLU A 229 6.12 1.28 21.60
C GLU A 229 4.83 1.37 20.76
N LEU A 230 4.99 1.51 19.43
CA LEU A 230 3.88 1.62 18.49
C LEU A 230 3.88 0.46 17.53
N VAL A 231 2.73 0.18 16.98
CA VAL A 231 2.62 -0.80 15.92
C VAL A 231 2.24 0.02 14.67
N GLU A 232 2.65 -0.40 13.48
CA GLU A 232 2.27 0.27 12.23
C GLU A 232 0.75 0.07 11.99
N THR A 233 0.07 1.10 11.46
CA THR A 233 -1.36 1.06 11.12
C THR A 233 -1.59 -0.13 10.19
N ARG A 234 -2.65 -0.92 10.46
CA ARG A 234 -2.93 -2.20 9.83
C ARG A 234 -4.31 -2.21 9.32
N PRO A 235 -4.59 -2.79 8.14
CA PRO A 235 -6.00 -2.94 7.73
C PRO A 235 -6.66 -4.08 8.51
N ALA A 236 -7.90 -3.86 8.95
CA ALA A 236 -8.64 -4.91 9.61
C ALA A 236 -9.16 -5.93 8.55
N GLY A 237 -9.25 -5.48 7.29
CA GLY A 237 -9.68 -6.30 6.16
C GLY A 237 -11.09 -6.02 5.70
N ASP A 238 -11.84 -5.29 6.52
CA ASP A 238 -13.22 -4.90 6.23
C ASP A 238 -13.36 -3.43 5.74
N GLY A 239 -12.22 -2.78 5.47
CA GLY A 239 -12.18 -1.38 5.07
C GLY A 239 -11.74 -0.44 6.18
N THR A 240 -11.67 -0.92 7.45
CA THR A 240 -11.22 -0.09 8.58
C THR A 240 -9.79 -0.48 8.98
N PHE A 241 -9.19 0.34 9.84
CA PHE A 241 -7.84 0.18 10.29
C PHE A 241 -7.74 -0.01 11.81
N GLN A 242 -6.56 -0.41 12.26
CA GLN A 242 -6.22 -0.70 13.64
C GLN A 242 -4.86 -0.17 13.95
N LYS A 243 -4.65 0.16 15.21
CA LYS A 243 -3.36 0.60 15.72
C LYS A 243 -3.35 0.45 17.25
N TRP A 244 -2.19 0.21 17.80
CA TRP A 244 -2.02 0.22 19.24
C TRP A 244 -0.70 0.88 19.58
N ALA A 245 -0.63 1.42 20.80
CA ALA A 245 0.55 2.06 21.37
C ALA A 245 0.66 1.56 22.80
N SER A 246 1.87 1.27 23.24
CA SER A 246 2.04 0.78 24.61
C SER A 246 3.18 1.43 25.34
N VAL A 247 3.11 1.38 26.67
CA VAL A 247 4.12 1.87 27.60
C VAL A 247 4.31 0.83 28.72
N VAL A 248 5.55 0.71 29.22
CA VAL A 248 5.86 -0.10 30.39
C VAL A 248 5.95 0.79 31.62
N VAL A 249 5.07 0.52 32.55
CA VAL A 249 4.72 1.27 33.75
C VAL A 249 4.96 0.44 35.04
N PRO A 250 5.29 1.08 36.19
CA PRO A 250 5.45 0.28 37.43
C PRO A 250 4.08 -0.11 38.02
N LEU A 251 3.98 -1.31 38.62
CA LEU A 251 2.76 -1.81 39.26
C LEU A 251 2.26 -0.81 40.29
N GLY A 252 0.95 -0.59 40.34
CA GLY A 252 0.35 0.35 41.29
C GLY A 252 0.30 1.81 40.85
N LYS A 253 1.07 2.20 39.80
CA LYS A 253 1.16 3.57 39.26
C LYS A 253 0.44 3.79 37.91
N GLU A 254 -0.38 2.81 37.48
CA GLU A 254 -1.10 2.82 36.19
C GLU A 254 -2.13 3.91 35.97
N GLN A 255 -2.75 4.39 37.06
CA GLN A 255 -3.78 5.44 37.02
C GLN A 255 -3.21 6.83 36.76
N ASN A 256 -1.87 6.98 36.83
CA ASN A 256 -1.18 8.22 36.51
C ASN A 256 -1.00 8.33 34.97
N TYR A 257 -1.17 7.21 34.23
CA TYR A 257 -0.97 7.18 32.78
C TYR A 257 -2.25 7.34 32.02
N THR A 258 -2.21 8.17 31.02
CA THR A 258 -3.37 8.48 30.20
C THR A 258 -3.05 8.33 28.72
N CYS A 259 -4.01 7.79 27.97
CA CYS A 259 -3.86 7.63 26.55
C CYS A 259 -4.82 8.52 25.79
N ARG A 260 -4.34 9.13 24.71
CA ARG A 260 -5.18 9.99 23.87
C ARG A 260 -5.20 9.52 22.43
N VAL A 261 -6.38 9.57 21.84
CA VAL A 261 -6.58 9.18 20.45
C VAL A 261 -7.07 10.39 19.65
N TYR A 262 -6.36 10.74 18.58
CA TYR A 262 -6.72 11.87 17.71
C TYR A 262 -7.01 11.31 16.35
N HIS A 263 -8.22 11.58 15.87
CA HIS A 263 -8.68 11.13 14.57
C HIS A 263 -9.68 12.07 14.03
N GLU A 264 -9.62 12.33 12.69
CA GLU A 264 -10.54 13.24 11.99
C GLU A 264 -12.04 12.94 12.11
N GLY A 265 -12.39 11.69 12.38
CA GLY A 265 -13.79 11.29 12.56
C GLY A 265 -14.38 11.65 13.91
N LEU A 266 -13.51 11.90 14.90
CA LEU A 266 -13.91 12.22 16.27
C LEU A 266 -14.46 13.64 16.45
N PRO A 267 -15.50 13.85 17.31
CA PRO A 267 -15.93 15.23 17.61
C PRO A 267 -14.85 15.96 18.41
N GLU A 268 -14.12 15.20 19.22
CA GLU A 268 -13.02 15.66 20.05
C GLU A 268 -12.14 14.45 20.36
N PRO A 269 -10.81 14.66 20.59
CA PRO A 269 -9.95 13.52 20.93
C PRO A 269 -10.45 12.68 22.11
N LEU A 270 -10.17 11.37 22.08
CA LEU A 270 -10.58 10.45 23.13
C LEU A 270 -9.52 10.46 24.18
N THR A 271 -9.93 10.34 25.43
CA THR A 271 -8.97 10.28 26.53
C THR A 271 -9.28 9.09 27.40
N LEU A 272 -8.29 8.24 27.63
CA LEU A 272 -8.56 7.02 28.38
C LEU A 272 -7.45 6.44 29.19
N ARG A 273 -7.82 5.65 30.17
CA ARG A 273 -6.89 5.02 31.08
C ARG A 273 -7.27 3.59 31.31
N TRP A 274 -6.38 2.84 31.93
CA TRP A 274 -6.61 1.47 32.31
C TRP A 274 -7.77 1.48 33.34
N GLU A 275 -8.83 0.72 33.05
CA GLU A 275 -9.99 0.61 33.94
C GLU A 275 -9.92 -0.73 34.70
N PRO A 276 -9.48 -0.72 35.98
CA PRO A 276 -9.39 -1.98 36.73
C PRO A 276 -10.76 -2.54 37.16
N GLN B 2 17.20 -5.12 -2.67
CA GLN B 2 15.99 -5.82 -2.23
C GLN B 2 15.56 -5.38 -0.83
N LYS B 3 14.25 -5.22 -0.61
CA LYS B 3 13.74 -4.81 0.70
C LYS B 3 13.19 -6.04 1.43
N THR B 4 13.52 -6.18 2.73
CA THR B 4 13.12 -7.28 3.63
C THR B 4 11.69 -7.05 4.14
N PRO B 5 10.78 -8.04 4.01
CA PRO B 5 9.40 -7.83 4.47
C PRO B 5 9.23 -7.67 5.97
N GLN B 6 8.22 -6.87 6.34
CA GLN B 6 7.79 -6.64 7.71
C GLN B 6 6.45 -7.41 7.81
N ILE B 7 6.25 -8.17 8.89
CA ILE B 7 5.03 -8.96 9.03
C ILE B 7 4.35 -8.60 10.32
N GLN B 8 3.03 -8.59 10.30
CA GLN B 8 2.23 -8.43 11.50
C GLN B 8 1.16 -9.44 11.32
N VAL B 9 0.90 -10.26 12.34
CA VAL B 9 -0.21 -11.21 12.32
C VAL B 9 -1.10 -10.82 13.48
N TYR B 10 -2.41 -10.77 13.23
CA TYR B 10 -3.40 -10.24 14.18
C TYR B 10 -4.77 -10.61 13.68
N SER B 11 -5.81 -10.35 14.47
CA SER B 11 -7.19 -10.67 14.12
C SER B 11 -7.97 -9.44 13.73
N ARG B 12 -9.07 -9.64 12.96
CA ARG B 12 -10.00 -8.59 12.52
C ARG B 12 -10.73 -8.01 13.72
N HIS B 13 -11.17 -8.88 14.63
CA HIS B 13 -11.91 -8.51 15.84
C HIS B 13 -11.16 -8.86 17.12
N PRO B 14 -11.48 -8.17 18.27
CA PRO B 14 -10.85 -8.54 19.55
C PRO B 14 -11.13 -10.02 19.83
N PRO B 15 -10.09 -10.83 20.12
CA PRO B 15 -10.31 -12.28 20.19
C PRO B 15 -11.06 -12.84 21.38
N GLU B 16 -12.28 -13.33 21.11
CA GLU B 16 -13.13 -13.99 22.09
C GLU B 16 -12.85 -15.47 22.06
N ASN B 17 -12.75 -16.06 23.27
CA ASN B 17 -12.42 -17.45 23.57
C ASN B 17 -12.90 -18.56 22.64
N GLY B 18 -14.11 -18.44 22.08
CA GLY B 18 -14.65 -19.42 21.15
C GLY B 18 -15.61 -18.82 20.14
N LYS B 19 -15.23 -17.67 19.56
CA LYS B 19 -16.04 -16.92 18.60
C LYS B 19 -15.42 -16.93 17.18
N PRO B 20 -16.24 -17.06 16.11
CA PRO B 20 -15.69 -16.99 14.73
C PRO B 20 -15.12 -15.60 14.40
N ASN B 21 -13.84 -15.58 13.98
CA ASN B 21 -13.05 -14.40 13.68
C ASN B 21 -12.26 -14.58 12.35
N ILE B 22 -11.52 -13.54 11.95
CA ILE B 22 -10.66 -13.56 10.76
C ILE B 22 -9.23 -13.34 11.21
N LEU B 23 -8.32 -14.19 10.74
CA LEU B 23 -6.91 -14.02 11.03
C LEU B 23 -6.24 -13.31 9.84
N ASN B 24 -5.47 -12.23 10.12
CA ASN B 24 -4.77 -11.46 9.09
C ASN B 24 -3.30 -11.63 9.17
N CYS B 25 -2.66 -11.65 8.01
CA CYS B 25 -1.23 -11.59 7.89
C CYS B 25 -0.93 -10.47 6.89
N TYR B 26 -0.34 -9.38 7.39
CA TYR B 26 -0.09 -8.17 6.59
C TYR B 26 1.38 -8.06 6.41
N VAL B 27 1.84 -8.17 5.16
CA VAL B 27 3.26 -8.17 4.82
C VAL B 27 3.53 -6.91 4.03
N THR B 28 4.60 -6.19 4.36
CA THR B 28 4.89 -4.89 3.76
C THR B 28 6.35 -4.71 3.50
N GLN B 29 6.69 -3.61 2.78
CA GLN B 29 8.07 -3.18 2.55
C GLN B 29 8.96 -4.22 1.90
N PHE B 30 8.40 -4.96 0.93
CA PHE B 30 9.17 -5.97 0.21
C PHE B 30 9.31 -5.70 -1.29
N HIS B 31 10.48 -6.06 -1.82
CA HIS B 31 10.86 -5.95 -3.22
C HIS B 31 11.91 -7.03 -3.47
N PRO B 32 11.85 -7.89 -4.52
CA PRO B 32 10.86 -8.00 -5.62
C PRO B 32 9.44 -8.34 -5.18
N PRO B 33 8.41 -8.23 -6.05
CA PRO B 33 7.04 -8.53 -5.58
C PRO B 33 6.73 -10.02 -5.41
N HIS B 34 7.62 -10.92 -5.90
CA HIS B 34 7.37 -12.35 -5.74
C HIS B 34 7.56 -12.71 -4.26
N ILE B 35 6.55 -13.31 -3.66
CA ILE B 35 6.59 -13.69 -2.25
C ILE B 35 5.71 -14.90 -2.02
N GLU B 36 6.07 -15.72 -1.01
CA GLU B 36 5.24 -16.86 -0.60
C GLU B 36 4.87 -16.69 0.86
N ILE B 37 3.57 -16.71 1.12
CA ILE B 37 2.95 -16.54 2.40
C ILE B 37 2.08 -17.73 2.66
N GLN B 38 2.27 -18.35 3.84
CA GLN B 38 1.54 -19.51 4.30
C GLN B 38 0.95 -19.21 5.68
N MET B 39 -0.28 -19.63 5.93
CA MET B 39 -0.92 -19.46 7.22
C MET B 39 -1.02 -20.85 7.87
N LEU B 40 -0.50 -20.97 9.11
CA LEU B 40 -0.43 -22.25 9.81
C LEU B 40 -1.25 -22.36 11.08
N LYS B 41 -1.75 -23.56 11.35
CA LYS B 41 -2.50 -23.96 12.55
C LYS B 41 -1.78 -25.23 13.05
N ASN B 42 -1.21 -25.21 14.26
CA ASN B 42 -0.44 -26.32 14.85
C ASN B 42 0.78 -26.69 13.97
N GLY B 43 1.35 -25.69 13.30
CA GLY B 43 2.46 -25.87 12.37
C GLY B 43 2.07 -26.48 11.04
N LYS B 44 0.75 -26.57 10.77
CA LYS B 44 0.20 -27.14 9.54
C LYS B 44 -0.58 -26.14 8.70
N LYS B 45 -0.28 -26.10 7.37
CA LYS B 45 -0.87 -25.23 6.34
C LYS B 45 -2.40 -25.20 6.41
N ILE B 46 -3.00 -24.01 6.25
CA ILE B 46 -4.45 -23.80 6.28
C ILE B 46 -4.97 -23.68 4.82
N PRO B 47 -5.96 -24.52 4.40
CA PRO B 47 -6.51 -24.37 3.04
C PRO B 47 -7.44 -23.17 2.90
N LYS B 48 -7.69 -22.70 1.66
CA LYS B 48 -8.58 -21.56 1.33
C LYS B 48 -8.13 -20.21 1.97
N VAL B 49 -6.87 -19.84 1.71
CA VAL B 49 -6.28 -18.61 2.22
C VAL B 49 -6.44 -17.48 1.18
N GLU B 50 -7.37 -16.56 1.46
CA GLU B 50 -7.65 -15.40 0.61
C GLU B 50 -6.49 -14.40 0.69
N MET B 51 -6.01 -13.97 -0.49
CA MET B 51 -4.90 -13.01 -0.65
C MET B 51 -5.46 -11.75 -1.31
N SER B 52 -5.02 -10.54 -0.88
CA SER B 52 -5.52 -9.33 -1.54
C SER B 52 -4.74 -9.09 -2.84
N ASP B 53 -5.15 -8.11 -3.65
CA ASP B 53 -4.42 -7.77 -4.88
C ASP B 53 -3.14 -7.06 -4.50
N MET B 54 -2.10 -7.16 -5.33
CA MET B 54 -0.84 -6.54 -4.92
C MET B 54 -0.72 -5.09 -5.30
N SER B 55 -0.29 -4.29 -4.34
CA SER B 55 -0.12 -2.87 -4.49
C SER B 55 1.28 -2.52 -4.05
N PHE B 56 1.74 -1.35 -4.43
CA PHE B 56 3.04 -0.85 -4.01
C PHE B 56 2.91 0.58 -3.49
N SER B 57 3.83 0.99 -2.64
CA SER B 57 3.86 2.31 -2.01
C SER B 57 4.79 3.28 -2.69
N LYS B 58 4.82 4.51 -2.19
CA LYS B 58 5.62 5.64 -2.70
C LYS B 58 7.12 5.30 -2.80
N ASP B 59 7.63 4.43 -1.91
CA ASP B 59 9.04 4.00 -1.97
C ASP B 59 9.26 2.77 -2.86
N TRP B 60 8.26 2.37 -3.68
CA TRP B 60 8.31 1.25 -4.64
C TRP B 60 8.12 -0.13 -4.06
N SER B 61 8.17 -0.27 -2.72
CA SER B 61 8.01 -1.57 -2.07
C SER B 61 6.56 -1.99 -2.05
N PHE B 62 6.31 -3.31 -2.11
CA PHE B 62 5.00 -3.93 -2.17
C PHE B 62 4.43 -4.29 -0.81
N TYR B 63 3.13 -4.52 -0.80
CA TYR B 63 2.45 -4.90 0.40
C TYR B 63 1.27 -5.73 0.00
N ILE B 64 0.88 -6.62 0.89
CA ILE B 64 -0.23 -7.54 0.69
C ILE B 64 -0.80 -7.99 2.03
N LEU B 65 -2.09 -8.25 2.02
CA LEU B 65 -2.85 -8.76 3.12
C LEU B 65 -3.32 -10.20 2.75
N ALA B 66 -2.98 -11.18 3.60
CA ALA B 66 -3.41 -12.57 3.50
C ALA B 66 -4.35 -12.77 4.68
N HIS B 67 -5.50 -13.40 4.44
CA HIS B 67 -6.47 -13.66 5.50
C HIS B 67 -7.22 -15.01 5.39
N THR B 68 -7.65 -15.56 6.54
CA THR B 68 -8.43 -16.80 6.66
C THR B 68 -9.38 -16.76 7.82
N GLU B 69 -10.52 -17.44 7.68
CA GLU B 69 -11.52 -17.57 8.75
C GLU B 69 -10.93 -18.51 9.81
N PHE B 70 -11.05 -18.13 11.10
CA PHE B 70 -10.50 -18.91 12.21
C PHE B 70 -11.28 -18.71 13.52
N THR B 71 -11.02 -19.59 14.50
CA THR B 71 -11.64 -19.55 15.83
C THR B 71 -10.61 -19.83 16.94
N PRO B 72 -10.37 -18.87 17.87
CA PRO B 72 -9.46 -19.12 19.01
C PRO B 72 -10.15 -20.02 20.09
N THR B 73 -9.61 -20.32 21.33
CA THR B 73 -8.44 -19.87 22.12
C THR B 73 -7.32 -20.90 22.16
N GLU B 74 -7.64 -22.16 22.53
CA GLU B 74 -6.69 -23.27 22.55
C GLU B 74 -7.33 -24.65 22.23
N THR B 75 -7.73 -24.95 20.94
CA THR B 75 -7.71 -24.21 19.64
C THR B 75 -6.86 -22.92 19.44
N ASP B 76 -5.52 -22.98 19.11
CA ASP B 76 -4.64 -24.13 18.84
C ASP B 76 -3.22 -23.62 18.42
N THR B 77 -2.93 -22.31 18.62
CA THR B 77 -1.71 -21.60 18.18
C THR B 77 -1.67 -21.41 16.65
N TYR B 78 -1.73 -20.14 16.19
CA TYR B 78 -1.74 -19.77 14.77
C TYR B 78 -0.51 -18.99 14.38
N ALA B 79 -0.11 -19.12 13.11
CA ALA B 79 1.08 -18.44 12.62
C ALA B 79 1.01 -18.08 11.14
N CYS B 80 2.01 -17.31 10.71
CA CYS B 80 2.21 -16.95 9.34
C CYS B 80 3.64 -17.19 8.97
N ARG B 81 3.87 -17.88 7.83
CA ARG B 81 5.22 -18.20 7.35
C ARG B 81 5.44 -17.51 6.00
N VAL B 82 6.58 -16.85 5.87
CA VAL B 82 6.91 -16.03 4.72
C VAL B 82 8.27 -16.32 4.14
N LYS B 83 8.30 -16.54 2.83
CA LYS B 83 9.54 -16.74 2.12
C LYS B 83 9.68 -15.63 1.07
N HIS B 84 10.85 -15.01 1.00
CA HIS B 84 11.18 -13.94 0.08
C HIS B 84 12.67 -13.95 -0.17
N ALA B 85 13.05 -13.63 -1.41
CA ALA B 85 14.43 -13.60 -1.90
C ALA B 85 15.41 -12.81 -1.00
N SER B 86 14.93 -11.72 -0.34
CA SER B 86 15.74 -10.84 0.50
C SER B 86 16.31 -11.51 1.74
N MET B 87 15.62 -12.54 2.26
CA MET B 87 16.03 -13.24 3.48
C MET B 87 16.34 -14.71 3.23
N ALA B 88 17.47 -15.18 3.77
CA ALA B 88 17.88 -16.59 3.69
C ALA B 88 17.04 -17.31 4.75
N GLU B 89 16.30 -18.35 4.32
CA GLU B 89 15.40 -19.18 5.14
C GLU B 89 14.08 -18.45 5.49
N PRO B 90 12.90 -19.14 5.49
CA PRO B 90 11.64 -18.45 5.79
C PRO B 90 11.53 -17.85 7.19
N LYS B 91 10.55 -16.94 7.39
CA LYS B 91 10.30 -16.29 8.67
C LYS B 91 8.89 -16.63 9.11
N THR B 92 8.77 -17.16 10.34
CA THR B 92 7.46 -17.48 10.93
C THR B 92 7.15 -16.43 12.03
N VAL B 93 5.90 -15.95 12.06
CA VAL B 93 5.44 -15.01 13.07
C VAL B 93 4.19 -15.61 13.65
N TYR B 94 4.19 -15.82 14.99
CA TYR B 94 3.05 -16.38 15.68
C TYR B 94 2.01 -15.35 16.03
N TRP B 95 0.75 -15.77 16.01
CA TRP B 95 -0.31 -14.90 16.48
C TRP B 95 -0.24 -14.80 18.01
N ASP B 96 -0.28 -13.56 18.51
CA ASP B 96 -0.24 -13.22 19.93
C ASP B 96 -1.43 -12.30 20.13
N ARG B 97 -2.48 -12.82 20.77
CA ARG B 97 -3.75 -12.13 21.08
C ARG B 97 -3.56 -10.79 21.88
N ASP B 98 -2.38 -10.59 22.46
CA ASP B 98 -2.08 -9.38 23.23
C ASP B 98 -1.50 -8.27 22.34
N MET B 99 -1.23 -8.59 21.04
CA MET B 99 -0.59 -7.68 20.07
C MET B 99 -1.28 -7.60 18.67
N ALA C 1 -8.32 9.29 -15.78
CA ALA C 1 -8.00 8.48 -16.96
C ALA C 1 -6.47 8.37 -17.08
N SER C 2 -6.00 7.18 -17.50
CA SER C 2 -4.58 6.87 -17.58
C SER C 2 -3.90 7.55 -18.75
N ASN C 3 -2.57 7.60 -18.73
CA ASN C 3 -1.76 8.14 -19.82
C ASN C 3 -1.14 7.01 -20.64
N GLU C 4 -0.69 7.33 -21.86
CA GLU C 4 -0.06 6.35 -22.71
C GLU C 4 1.39 6.76 -22.98
N HIS C 5 2.33 5.85 -22.70
CA HIS C 5 3.75 6.08 -22.99
C HIS C 5 3.90 5.86 -24.49
N MET C 6 4.86 6.56 -25.10
CA MET C 6 5.07 6.46 -26.53
C MET C 6 6.40 5.86 -26.87
N GLU C 7 7.51 6.65 -26.85
CA GLU C 7 8.85 6.09 -27.07
C GLU C 7 9.18 5.16 -25.88
N THR C 8 9.72 3.98 -26.16
CA THR C 8 10.08 3.02 -25.12
C THR C 8 11.38 3.43 -24.40
N MET C 9 11.68 2.69 -23.32
CA MET C 9 12.85 2.86 -22.49
C MET C 9 14.13 2.59 -23.29
#